data_2CWG
#
_entry.id   2CWG
#
_cell.length_a   111.000
_cell.length_b   50.400
_cell.length_c   63.400
_cell.angle_alpha   90.00
_cell.angle_beta   90.00
_cell.angle_gamma   90.00
#
_symmetry.space_group_name_H-M   'P 21 21 2'
#
loop_
_entity.id
_entity.type
_entity.pdbx_description
1 polymer 'AGGLUTININ ISOLECTIN 1 (WGA1)'
2 polymer 'T5 SIALOGLYCOPEPTIDE OF GLYCOPHORIN A'
3 branched 'N-acetyl-alpha-neuraminic acid-(2-3)-beta-D-galactopyranose-(1-3)-[N-acetyl-alpha-neuraminic acid-(2-6)]2-acetamido-2-deoxy-alpha-D-glucopyranose'
4 water water
#
loop_
_entity_poly.entity_id
_entity_poly.type
_entity_poly.pdbx_seq_one_letter_code
_entity_poly.pdbx_strand_id
1 'polypeptide(L)'
;(PCA)RCGEQGSNMECPNNLCCSQYGYCGMGGDYCGKGCQNGACWTSKRCGSQAGGATCTNNQCCSQYGYCGFGAEYCGA
GCQGGPCRADIKCGSQAGGKLCPNNLCCSQWGFCGLGSEFCGGGCQSGACSTDKPCGKDAGGRVCTNNYCCSKWGSCGIG
PGYCGAGCQSGGCDG
;
A,B
2 'polypeptide(L)' DTYAATPR D,E
#
loop_
_chem_comp.id
_chem_comp.type
_chem_comp.name
_chem_comp.formula
GAL D-saccharide, beta linking beta-D-galactopyranose 'C6 H12 O6'
NDG D-saccharide, alpha linking 2-acetamido-2-deoxy-alpha-D-glucopyranose 'C8 H15 N O6'
SIA D-saccharide, alpha linking 'N-acetyl-alpha-neuraminic acid' 'C11 H19 N O9'
#
# COMPACT_ATOMS: atom_id res chain seq x y z
N PCA A 1 -1.92 6.32 15.99
CA PCA A 1 -3.32 6.24 16.33
CB PCA A 1 -3.55 7.42 17.29
CG PCA A 1 -2.18 7.96 17.58
CD PCA A 1 -1.24 7.27 16.66
OE PCA A 1 -0.03 7.60 16.58
C PCA A 1 -4.27 6.46 15.17
O PCA A 1 -5.28 5.67 15.12
N ARG A 2 -4.08 7.50 14.41
CA ARG A 2 -4.93 7.95 13.32
C ARG A 2 -4.23 7.72 11.98
N CYS A 3 -5.02 7.74 10.92
CA CYS A 3 -4.54 7.59 9.53
C CYS A 3 -4.94 8.85 8.80
N GLY A 4 -4.52 9.04 7.57
CA GLY A 4 -4.93 10.18 6.78
C GLY A 4 -4.28 11.46 7.27
N GLU A 5 -4.93 12.54 6.92
CA GLU A 5 -4.50 13.89 7.27
C GLU A 5 -4.26 13.94 8.77
N GLN A 6 -5.09 13.28 9.56
CA GLN A 6 -4.96 13.33 11.03
C GLN A 6 -3.74 12.58 11.56
N GLY A 7 -3.15 11.66 10.82
CA GLY A 7 -2.02 10.91 11.30
C GLY A 7 -0.85 10.96 10.35
N SER A 8 -0.51 12.08 9.79
CA SER A 8 0.55 12.33 8.85
C SER A 8 0.53 11.45 7.63
N ASN A 9 -0.66 11.30 7.11
CA ASN A 9 -0.85 10.49 5.89
C ASN A 9 -0.62 9.03 6.14
N MET A 10 -0.74 8.64 7.40
CA MET A 10 -0.58 7.22 7.77
C MET A 10 -1.70 6.44 7.04
N GLU A 11 -1.35 5.25 6.61
CA GLU A 11 -2.26 4.36 5.91
C GLU A 11 -2.70 3.21 6.76
N CYS A 12 -3.81 2.57 6.49
CA CYS A 12 -4.27 1.44 7.28
C CYS A 12 -3.67 0.19 6.71
N PRO A 13 -3.57 -0.79 7.60
CA PRO A 13 -3.13 -2.08 7.21
C PRO A 13 -4.20 -2.73 6.34
N ASN A 14 -3.78 -3.65 5.51
CA ASN A 14 -4.64 -4.44 4.66
C ASN A 14 -5.75 -3.75 3.91
N ASN A 15 -5.55 -2.61 3.33
CA ASN A 15 -6.60 -1.97 2.50
C ASN A 15 -7.77 -1.45 3.32
N LEU A 16 -7.67 -1.39 4.66
CA LEU A 16 -8.81 -0.82 5.38
C LEU A 16 -8.88 0.66 5.01
N CYS A 17 -10.10 1.13 4.97
CA CYS A 17 -10.38 2.53 4.70
C CYS A 17 -10.04 3.38 5.89
N CYS A 18 -9.56 4.56 5.56
CA CYS A 18 -9.30 5.57 6.57
C CYS A 18 -10.47 6.52 6.47
N SER A 19 -11.33 6.62 7.48
CA SER A 19 -12.50 7.48 7.45
C SER A 19 -12.11 8.94 7.51
N GLN A 20 -13.10 9.76 7.28
CA GLN A 20 -12.88 11.20 7.36
C GLN A 20 -12.38 11.60 8.73
N TYR A 21 -12.54 10.73 9.69
CA TYR A 21 -12.13 11.00 11.08
C TYR A 21 -10.73 10.55 11.40
N GLY A 22 -10.05 9.88 10.47
CA GLY A 22 -8.66 9.47 10.75
C GLY A 22 -8.69 8.16 11.46
N TYR A 23 -9.66 7.29 11.25
CA TYR A 23 -9.62 5.96 11.91
C TYR A 23 -9.68 4.85 10.88
N CYS A 24 -9.16 3.67 11.12
CA CYS A 24 -9.16 2.58 10.19
C CYS A 24 -10.34 1.62 10.47
N GLY A 25 -10.93 1.17 9.40
CA GLY A 25 -12.03 0.20 9.51
C GLY A 25 -12.54 -0.14 8.14
N MET A 26 -13.70 -0.75 8.13
CA MET A 26 -14.38 -1.24 6.89
C MET A 26 -15.86 -0.98 7.03
N GLY A 27 -16.57 -0.78 5.94
CA GLY A 27 -18.02 -0.47 5.93
C GLY A 27 -18.17 0.95 5.41
N GLY A 28 -19.36 1.46 5.26
CA GLY A 28 -19.70 2.76 4.74
C GLY A 28 -19.34 3.97 5.57
N ASP A 29 -19.02 3.76 6.82
CA ASP A 29 -18.58 4.77 7.78
C ASP A 29 -17.09 5.10 7.59
N TYR A 30 -16.34 4.17 7.07
CA TYR A 30 -14.89 4.29 6.81
C TYR A 30 -14.61 4.52 5.35
N CYS A 31 -15.27 3.78 4.46
CA CYS A 31 -15.11 3.72 3.04
C CYS A 31 -15.96 4.65 2.22
N GLY A 32 -17.04 5.11 2.80
CA GLY A 32 -17.95 5.99 2.12
C GLY A 32 -17.26 7.32 1.99
N LYS A 33 -18.13 8.31 1.97
CA LYS A 33 -17.82 9.70 1.83
C LYS A 33 -16.72 10.04 2.85
N GLY A 34 -15.78 10.78 2.29
CA GLY A 34 -14.65 11.32 2.97
C GLY A 34 -13.53 10.37 3.28
N CYS A 35 -13.58 9.18 2.73
CA CYS A 35 -12.52 8.19 2.90
C CYS A 35 -11.21 8.77 2.38
N GLN A 36 -10.13 8.61 3.10
CA GLN A 36 -8.82 9.13 2.73
C GLN A 36 -7.87 8.16 2.06
N ASN A 37 -7.86 6.91 2.42
CA ASN A 37 -6.89 5.94 1.82
C ASN A 37 -7.49 4.59 2.09
N GLY A 38 -6.92 3.60 1.51
CA GLY A 38 -7.36 2.20 1.56
C GLY A 38 -8.47 1.98 0.51
N ALA A 39 -9.30 0.99 0.78
CA ALA A 39 -10.38 0.62 -0.16
C ALA A 39 -11.50 1.57 -0.31
N CYS A 40 -11.27 2.87 -0.49
CA CYS A 40 -12.32 3.86 -0.67
C CYS A 40 -13.28 3.52 -1.83
N TRP A 41 -14.55 3.87 -1.58
CA TRP A 41 -15.62 3.59 -2.56
C TRP A 41 -15.44 4.52 -3.73
N THR A 42 -14.97 5.71 -3.50
CA THR A 42 -14.59 6.65 -4.57
C THR A 42 -13.06 6.65 -4.78
N SER A 43 -12.66 5.93 -5.82
CA SER A 43 -11.25 5.85 -6.27
C SER A 43 -10.68 7.27 -6.44
N LYS A 44 -9.48 7.42 -5.95
CA LYS A 44 -8.71 8.67 -6.14
C LYS A 44 -8.26 8.69 -7.62
N ARG A 45 -7.94 9.88 -8.09
CA ARG A 45 -7.43 10.16 -9.43
C ARG A 45 -5.91 10.17 -9.40
N CYS A 46 -5.24 9.94 -10.51
CA CYS A 46 -3.79 9.90 -10.39
C CYS A 46 -3.17 10.05 -11.76
N GLY A 47 -1.88 9.97 -11.87
CA GLY A 47 -1.22 9.97 -13.17
C GLY A 47 -1.40 11.32 -13.85
N SER A 48 -1.24 11.34 -15.14
CA SER A 48 -1.34 12.58 -15.93
C SER A 48 -2.63 13.34 -15.73
N GLN A 49 -3.73 12.60 -15.68
CA GLN A 49 -5.02 13.26 -15.50
C GLN A 49 -5.03 14.09 -14.22
N ALA A 50 -4.27 13.74 -13.18
CA ALA A 50 -4.29 14.45 -11.91
C ALA A 50 -2.94 15.05 -11.53
N GLY A 51 -2.21 15.40 -12.55
CA GLY A 51 -0.92 16.06 -12.60
C GLY A 51 0.12 15.50 -11.68
N GLY A 52 0.46 14.26 -11.93
CA GLY A 52 1.42 13.40 -11.34
C GLY A 52 1.20 12.69 -10.02
N ALA A 53 0.09 12.94 -9.36
CA ALA A 53 -0.38 12.37 -8.10
C ALA A 53 -0.41 10.84 -8.30
N THR A 54 0.14 10.23 -7.29
CA THR A 54 0.37 8.78 -7.11
C THR A 54 -0.73 8.22 -6.25
N CYS A 55 -1.06 6.98 -6.38
CA CYS A 55 -2.12 6.36 -5.55
C CYS A 55 -1.58 6.09 -4.15
N THR A 56 -2.47 5.98 -3.17
CA THR A 56 -2.06 5.59 -1.80
C THR A 56 -2.06 4.06 -1.86
N ASN A 57 -1.53 3.47 -0.82
CA ASN A 57 -1.49 2.02 -0.64
C ASN A 57 -0.87 1.30 -1.81
N ASN A 58 0.09 1.80 -2.52
CA ASN A 58 0.69 1.11 -3.66
C ASN A 58 -0.36 0.57 -4.64
N GLN A 59 -1.43 1.31 -4.91
CA GLN A 59 -2.42 0.89 -5.91
C GLN A 59 -1.85 1.31 -7.26
N CYS A 60 -2.43 0.64 -8.24
CA CYS A 60 -2.09 0.97 -9.63
C CYS A 60 -2.93 2.12 -10.12
N CYS A 61 -2.32 2.94 -10.96
CA CYS A 61 -2.85 4.09 -11.63
C CYS A 61 -3.08 3.64 -13.11
N SER A 62 -4.39 3.52 -13.40
CA SER A 62 -4.83 3.06 -14.72
C SER A 62 -4.53 4.14 -15.76
N GLN A 63 -4.67 3.76 -17.03
CA GLN A 63 -4.50 4.60 -18.22
C GLN A 63 -5.42 5.80 -18.18
N TYR A 64 -6.55 5.60 -17.49
CA TYR A 64 -7.54 6.64 -17.32
C TYR A 64 -7.33 7.43 -16.09
N GLY A 65 -6.36 7.21 -15.27
CA GLY A 65 -6.08 8.05 -14.12
C GLY A 65 -6.90 7.81 -12.90
N TYR A 66 -7.23 6.56 -12.65
CA TYR A 66 -7.93 6.09 -11.45
C TYR A 66 -7.08 4.99 -10.79
N CYS A 67 -7.14 4.97 -9.50
CA CYS A 67 -6.45 4.06 -8.59
C CYS A 67 -7.20 2.79 -8.30
N GLY A 68 -6.58 1.65 -8.34
CA GLY A 68 -7.25 0.37 -8.07
C GLY A 68 -6.33 -0.77 -8.30
N PHE A 69 -6.77 -2.00 -8.26
CA PHE A 69 -5.97 -3.19 -8.48
C PHE A 69 -6.67 -3.99 -9.55
N GLY A 70 -5.99 -4.95 -10.12
CA GLY A 70 -6.59 -5.81 -11.20
C GLY A 70 -6.13 -5.36 -12.59
N ALA A 71 -6.43 -6.11 -13.60
CA ALA A 71 -6.03 -5.87 -14.96
C ALA A 71 -6.36 -4.52 -15.49
N GLU A 72 -7.48 -3.90 -15.19
CA GLU A 72 -7.81 -2.61 -15.78
C GLU A 72 -6.98 -1.48 -15.20
N TYR A 73 -6.46 -1.70 -14.01
CA TYR A 73 -5.64 -0.69 -13.35
C TYR A 73 -4.16 -0.97 -13.54
N CYS A 74 -3.74 -2.18 -13.38
CA CYS A 74 -2.29 -2.49 -13.46
C CYS A 74 -1.82 -2.97 -14.81
N GLY A 75 -2.64 -3.32 -15.74
CA GLY A 75 -2.36 -3.87 -17.07
C GLY A 75 -1.92 -2.72 -17.95
N ALA A 76 -2.31 -2.81 -19.20
CA ALA A 76 -2.02 -1.92 -20.31
C ALA A 76 -2.27 -0.47 -19.97
N GLY A 77 -1.29 0.36 -20.20
CA GLY A 77 -1.32 1.76 -19.99
C GLY A 77 -1.25 2.13 -18.52
N CYS A 78 -0.95 1.17 -17.65
CA CYS A 78 -0.80 1.49 -16.20
C CYS A 78 0.15 2.67 -16.11
N GLN A 79 -0.01 3.68 -15.32
CA GLN A 79 0.85 4.82 -15.26
C GLN A 79 1.70 4.82 -13.99
N GLY A 80 1.42 3.91 -13.05
CA GLY A 80 2.18 3.85 -11.79
C GLY A 80 1.62 2.83 -10.81
N GLY A 81 2.41 2.64 -9.77
CA GLY A 81 2.09 1.59 -8.75
C GLY A 81 2.75 0.37 -9.37
N PRO A 82 2.35 -0.81 -8.93
CA PRO A 82 2.86 -2.08 -9.39
C PRO A 82 2.20 -2.61 -10.65
N CYS A 83 2.49 -1.85 -11.70
CA CYS A 83 2.10 -2.14 -13.08
C CYS A 83 2.64 -3.51 -13.45
N ARG A 84 1.99 -4.07 -14.48
CA ARG A 84 2.33 -5.38 -14.98
C ARG A 84 3.54 -5.34 -15.88
N ALA A 85 3.70 -4.18 -16.50
CA ALA A 85 4.91 -3.99 -17.40
C ALA A 85 6.10 -3.76 -16.46
N ASP A 86 7.29 -4.15 -16.88
CA ASP A 86 8.51 -3.82 -16.13
C ASP A 86 8.73 -2.34 -16.40
N ILE A 87 8.81 -1.59 -15.34
CA ILE A 87 8.94 -0.13 -15.37
C ILE A 87 10.42 0.26 -15.41
N LYS A 88 10.79 0.97 -16.45
CA LYS A 88 12.14 1.46 -16.63
C LYS A 88 12.45 2.72 -15.87
N CYS A 89 13.72 2.80 -15.49
CA CYS A 89 14.28 3.91 -14.72
C CYS A 89 15.79 3.99 -14.92
N GLY A 90 16.30 5.04 -14.29
CA GLY A 90 17.72 5.36 -14.14
C GLY A 90 18.40 5.63 -15.45
N SER A 91 19.59 5.15 -15.63
CA SER A 91 20.27 5.37 -16.92
C SER A 91 19.44 4.87 -18.10
N GLN A 92 18.94 3.67 -17.95
CA GLN A 92 18.12 2.97 -18.95
C GLN A 92 16.81 3.66 -19.24
N ALA A 93 16.71 4.94 -18.89
CA ALA A 93 15.49 5.72 -19.06
C ALA A 93 15.74 7.22 -18.86
N GLY A 94 16.95 7.60 -19.13
CA GLY A 94 17.52 8.93 -19.04
C GLY A 94 17.45 9.55 -17.68
N GLY A 95 17.89 8.85 -16.65
CA GLY A 95 17.84 9.29 -15.27
C GLY A 95 16.47 9.36 -14.62
N LYS A 96 15.40 8.80 -15.19
CA LYS A 96 14.10 8.89 -14.50
C LYS A 96 14.11 8.15 -13.17
N LEU A 97 13.41 8.74 -12.21
CA LEU A 97 13.24 8.10 -10.88
C LEU A 97 12.01 7.18 -10.88
N CYS A 98 12.10 6.09 -10.11
CA CYS A 98 10.94 5.25 -9.88
C CYS A 98 10.07 6.03 -8.88
N PRO A 99 8.79 5.76 -9.05
CA PRO A 99 7.77 6.39 -8.19
C PRO A 99 7.80 5.74 -6.79
N ASN A 100 7.43 6.58 -5.85
CA ASN A 100 7.19 6.14 -4.49
C ASN A 100 8.40 5.49 -3.85
N ASN A 101 9.57 6.08 -4.10
CA ASN A 101 10.80 5.62 -3.42
C ASN A 101 11.19 4.23 -3.87
N LEU A 102 10.56 3.66 -4.88
CA LEU A 102 11.01 2.33 -5.28
C LEU A 102 12.48 2.43 -5.69
N CYS A 103 13.14 1.32 -5.60
CA CYS A 103 14.53 1.17 -6.03
C CYS A 103 14.67 1.07 -7.56
N CYS A 104 15.67 1.74 -8.09
CA CYS A 104 15.99 1.58 -9.52
C CYS A 104 17.11 0.55 -9.59
N SER A 105 16.90 -0.64 -10.15
CA SER A 105 17.99 -1.63 -10.06
C SER A 105 19.12 -1.22 -11.00
N GLN A 106 20.19 -2.01 -10.94
CA GLN A 106 21.35 -1.80 -11.82
C GLN A 106 21.00 -1.87 -13.30
N TRP A 107 20.02 -2.74 -13.57
CA TRP A 107 19.60 -2.96 -14.94
C TRP A 107 18.53 -1.98 -15.33
N GLY A 108 18.09 -1.11 -14.46
CA GLY A 108 17.14 -0.13 -14.89
C GLY A 108 15.68 -0.54 -14.83
N PHE A 109 15.35 -1.32 -13.77
CA PHE A 109 13.92 -1.67 -13.56
C PHE A 109 13.55 -1.27 -12.13
N CYS A 110 12.33 -0.86 -11.92
CA CYS A 110 11.83 -0.43 -10.62
C CYS A 110 11.23 -1.64 -9.86
N GLY A 111 11.58 -1.67 -8.58
CA GLY A 111 11.09 -2.71 -7.67
C GLY A 111 11.51 -2.46 -6.25
N LEU A 112 11.32 -3.49 -5.44
CA LEU A 112 11.67 -3.36 -3.98
C LEU A 112 12.20 -4.74 -3.64
N GLY A 113 13.23 -4.82 -2.84
CA GLY A 113 13.82 -6.13 -2.48
C GLY A 113 15.28 -6.08 -2.90
N SER A 114 16.05 -7.05 -2.47
CA SER A 114 17.48 -7.14 -2.70
C SER A 114 17.93 -6.88 -4.12
N GLU A 115 17.34 -7.64 -5.04
CA GLU A 115 17.62 -7.55 -6.46
C GLU A 115 17.45 -6.14 -6.99
N PHE A 116 16.66 -5.29 -6.42
CA PHE A 116 16.54 -3.92 -6.83
C PHE A 116 17.27 -2.92 -5.97
N CYS A 117 17.27 -3.08 -4.68
CA CYS A 117 17.77 -2.09 -3.73
C CYS A 117 19.23 -2.27 -3.31
N GLY A 118 19.72 -3.44 -3.63
CA GLY A 118 21.09 -3.85 -3.24
C GLY A 118 22.01 -3.46 -4.40
N GLY A 119 23.19 -4.01 -4.32
CA GLY A 119 24.30 -3.78 -5.21
C GLY A 119 23.98 -3.22 -6.56
N GLY A 120 24.26 -1.94 -6.77
CA GLY A 120 24.00 -1.38 -8.11
C GLY A 120 22.74 -0.55 -8.20
N CYS A 121 22.06 -0.52 -7.06
CA CYS A 121 20.82 0.27 -6.94
C CYS A 121 21.14 1.67 -7.36
N GLN A 122 20.43 2.24 -8.28
CA GLN A 122 20.67 3.58 -8.86
C GLN A 122 19.97 4.69 -8.14
N SER A 123 18.77 4.45 -7.61
CA SER A 123 18.03 5.56 -6.94
C SER A 123 16.89 4.96 -6.10
N GLY A 124 16.17 5.72 -5.27
CA GLY A 124 15.09 5.25 -4.42
C GLY A 124 15.67 4.71 -3.11
N ALA A 125 14.90 3.79 -2.53
CA ALA A 125 15.28 3.17 -1.21
C ALA A 125 16.39 2.11 -1.29
N CYS A 126 17.52 2.45 -1.88
CA CYS A 126 18.63 1.48 -1.99
C CYS A 126 19.09 1.07 -0.60
N SER A 127 19.54 -0.15 -0.44
CA SER A 127 20.00 -0.49 0.95
C SER A 127 21.53 -0.52 0.99
N THR A 128 22.19 0.02 0.00
CA THR A 128 23.67 0.03 -0.04
C THR A 128 24.26 1.15 0.82
N ASP A 129 23.38 2.08 1.16
CA ASP A 129 23.77 3.24 2.03
C ASP A 129 25.11 3.88 1.65
N LYS A 130 25.28 4.24 0.39
CA LYS A 130 26.52 4.91 -0.08
C LYS A 130 26.59 6.26 0.61
N PRO A 131 27.79 6.63 1.01
CA PRO A 131 28.06 7.89 1.71
C PRO A 131 27.90 9.04 0.74
N CYS A 132 27.58 10.18 1.34
CA CYS A 132 27.37 11.42 0.54
C CYS A 132 28.12 12.50 1.30
N GLY A 133 28.03 13.72 0.88
CA GLY A 133 28.44 14.92 1.55
C GLY A 133 29.95 15.12 1.44
N LYS A 134 30.41 16.04 2.24
CA LYS A 134 31.82 16.45 2.31
C LYS A 134 32.85 15.35 2.23
N ASP A 135 32.70 14.30 3.00
CA ASP A 135 33.58 13.15 3.08
C ASP A 135 33.40 12.22 1.92
N ALA A 136 32.43 12.41 1.04
CA ALA A 136 32.23 11.55 -0.14
C ALA A 136 32.21 12.41 -1.41
N GLY A 137 33.17 13.32 -1.41
CA GLY A 137 33.52 14.29 -2.44
C GLY A 137 32.40 15.21 -2.88
N GLY A 138 31.48 15.36 -1.95
CA GLY A 138 30.29 16.16 -2.05
C GLY A 138 29.17 15.50 -2.88
N ARG A 139 29.15 14.17 -2.93
CA ARG A 139 28.03 13.57 -3.68
C ARG A 139 26.73 13.92 -2.95
N VAL A 140 25.69 14.12 -3.71
CA VAL A 140 24.40 14.46 -3.05
C VAL A 140 23.66 13.12 -3.21
N CYS A 141 22.62 13.01 -2.41
CA CYS A 141 21.78 11.77 -2.46
C CYS A 141 20.83 11.95 -3.65
N THR A 142 20.35 10.84 -4.16
CA THR A 142 19.25 10.84 -5.12
C THR A 142 17.98 11.26 -4.37
N ASN A 143 16.95 11.46 -5.17
CA ASN A 143 15.62 11.75 -4.66
C ASN A 143 15.56 12.91 -3.72
N ASN A 144 16.51 13.80 -3.65
CA ASN A 144 16.52 14.94 -2.73
C ASN A 144 16.50 14.52 -1.26
N TYR A 145 16.90 13.29 -1.03
CA TYR A 145 17.05 12.80 0.36
C TYR A 145 18.13 13.70 1.02
N CYS A 146 18.06 13.76 2.33
CA CYS A 146 18.96 14.56 3.13
C CYS A 146 20.26 13.84 3.38
N CYS A 147 21.30 14.66 3.29
CA CYS A 147 22.66 14.15 3.59
C CYS A 147 22.97 14.68 5.02
N SER A 148 23.00 13.68 5.91
CA SER A 148 23.16 13.97 7.35
C SER A 148 24.60 14.40 7.55
N LYS A 149 24.83 14.93 8.75
CA LYS A 149 26.21 15.40 9.07
C LYS A 149 27.23 14.30 8.95
N TRP A 150 26.84 13.03 9.09
CA TRP A 150 27.70 11.88 9.01
C TRP A 150 27.87 11.25 7.65
N GLY A 151 27.36 11.86 6.60
CA GLY A 151 27.50 11.34 5.26
C GLY A 151 26.53 10.22 4.92
N SER A 152 25.34 10.23 5.50
CA SER A 152 24.35 9.14 5.17
C SER A 152 23.08 9.73 4.55
N CYS A 153 22.46 9.03 3.61
CA CYS A 153 21.21 9.54 2.94
C CYS A 153 19.98 9.02 3.66
N GLY A 154 18.94 9.82 3.84
CA GLY A 154 17.74 9.29 4.54
C GLY A 154 16.79 10.47 4.64
N ILE A 155 15.73 10.28 5.35
CA ILE A 155 14.70 11.34 5.57
C ILE A 155 14.33 11.15 7.05
N GLY A 156 14.39 12.24 7.74
CA GLY A 156 14.10 12.25 9.18
C GLY A 156 14.99 13.34 9.77
N PRO A 157 14.71 13.64 11.02
CA PRO A 157 15.36 14.72 11.75
C PRO A 157 16.85 14.57 11.95
N GLY A 158 17.29 13.33 12.03
CA GLY A 158 18.68 12.95 12.14
C GLY A 158 19.40 13.23 10.82
N TYR A 159 18.65 13.17 9.72
CA TYR A 159 19.23 13.43 8.41
C TYR A 159 19.00 14.88 7.98
N CYS A 160 17.78 15.34 8.06
CA CYS A 160 17.41 16.65 7.54
C CYS A 160 17.63 17.79 8.49
N GLY A 161 18.01 17.48 9.74
CA GLY A 161 18.14 18.57 10.73
C GLY A 161 19.57 19.08 10.76
N ALA A 162 19.93 19.37 12.00
CA ALA A 162 21.22 19.84 12.47
C ALA A 162 22.31 19.21 11.64
N GLY A 163 23.07 19.99 10.89
CA GLY A 163 24.16 19.50 10.10
C GLY A 163 23.82 18.85 8.77
N CYS A 164 22.54 18.97 8.39
CA CYS A 164 22.17 18.35 7.07
C CYS A 164 23.10 19.04 6.07
N GLN A 165 23.71 18.30 5.18
CA GLN A 165 24.60 18.80 4.17
C GLN A 165 24.02 19.10 2.80
N SER A 166 23.02 18.39 2.36
CA SER A 166 22.41 18.62 1.02
C SER A 166 21.06 17.89 1.02
N GLY A 167 20.23 18.17 0.04
CA GLY A 167 18.91 17.54 -0.06
C GLY A 167 17.83 18.38 0.61
N GLY A 168 16.70 17.74 0.92
CA GLY A 168 15.61 18.52 1.52
C GLY A 168 15.89 18.89 2.95
N CYS A 169 16.95 19.58 3.28
CA CYS A 169 17.21 19.93 4.71
C CYS A 169 16.13 20.85 5.23
N ASP A 170 15.89 20.76 6.53
CA ASP A 170 14.85 21.54 7.22
C ASP A 170 15.42 22.94 7.42
N GLY A 171 14.55 23.91 7.27
CA GLY A 171 14.95 25.34 7.42
C GLY A 171 13.66 26.16 7.69
N ASP B 1 -19.24 -1.00 -12.59
CA ASP B 1 -18.46 0.13 -13.17
C ASP B 1 -19.38 1.28 -13.60
N THR B 2 -19.51 2.09 -12.55
CA THR B 2 -20.24 3.38 -12.41
C THR B 2 -20.62 3.52 -10.92
N TYR B 3 -20.76 4.77 -10.55
CA TYR B 3 -21.06 5.20 -9.18
C TYR B 3 -19.96 6.17 -8.76
N ALA B 4 -20.40 7.22 -8.14
CA ALA B 4 -19.50 8.32 -7.77
C ALA B 4 -19.24 9.10 -9.06
N ALA B 5 -19.27 10.41 -8.93
CA ALA B 5 -19.12 11.30 -10.07
C ALA B 5 -17.64 11.60 -10.37
N THR B 6 -17.30 11.12 -11.56
CA THR B 6 -16.00 11.23 -12.22
C THR B 6 -16.12 12.44 -13.14
N PRO B 7 -15.14 13.27 -13.16
CA PRO B 7 -15.09 14.45 -14.05
C PRO B 7 -14.68 13.85 -15.42
N ARG B 8 -15.02 14.56 -16.47
CA ARG B 8 -14.73 14.16 -17.86
C ARG B 8 -14.55 15.43 -18.73
N PCA C 1 0.18 9.19 14.00
CA PCA C 1 1.49 9.66 13.58
CB PCA C 1 1.63 10.99 14.28
CG PCA C 1 0.24 11.38 14.72
CD PCA C 1 -0.54 10.12 14.65
OE PCA C 1 -1.69 9.88 15.06
C PCA C 1 2.50 8.59 13.82
O PCA C 1 3.62 8.71 13.25
N ARG C 2 2.15 7.55 14.52
CA ARG C 2 3.06 6.42 14.76
C ARG C 2 2.67 5.35 13.78
N CYS C 3 3.58 4.49 13.42
CA CYS C 3 3.48 3.37 12.53
C CYS C 3 3.84 2.05 13.19
N GLY C 4 3.56 0.94 12.57
CA GLY C 4 3.93 -0.37 13.09
C GLY C 4 3.21 -0.64 14.42
N GLU C 5 3.85 -1.38 15.32
CA GLU C 5 3.25 -1.83 16.58
C GLU C 5 2.81 -0.68 17.43
N GLN C 6 3.61 0.37 17.42
CA GLN C 6 3.30 1.57 18.24
C GLN C 6 2.12 2.36 17.66
N GLY C 7 1.75 2.07 16.40
CA GLY C 7 0.66 2.85 15.80
C GLY C 7 -0.39 1.92 15.20
N SER C 8 -0.70 0.89 15.96
CA SER C 8 -1.72 -0.07 15.57
C SER C 8 -1.47 -0.67 14.20
N ASN C 9 -0.23 -0.94 13.85
CA ASN C 9 0.11 -1.58 12.57
C ASN C 9 -0.15 -0.74 11.32
N MET C 10 -0.28 0.52 11.48
CA MET C 10 -0.43 1.58 10.49
C MET C 10 0.87 1.58 9.68
N GLU C 11 0.77 1.86 8.39
CA GLU C 11 1.85 1.83 7.42
C GLU C 11 2.14 3.23 6.91
N CYS C 12 3.40 3.49 6.60
CA CYS C 12 3.82 4.84 6.19
C CYS C 12 3.42 5.02 4.72
N PRO C 13 3.23 6.27 4.36
CA PRO C 13 2.99 6.63 2.95
C PRO C 13 4.27 6.53 2.11
N ASN C 14 4.08 6.12 0.84
CA ASN C 14 5.08 6.10 -0.19
C ASN C 14 6.24 5.21 0.12
N ASN C 15 5.96 4.13 0.76
CA ASN C 15 6.90 3.08 1.10
C ASN C 15 7.95 3.58 2.09
N LEU C 16 7.66 4.66 2.78
CA LEU C 16 8.63 5.09 3.82
C LEU C 16 8.66 3.88 4.78
N CYS C 17 9.85 3.74 5.41
CA CYS C 17 10.17 2.73 6.41
C CYS C 17 9.72 3.13 7.80
N CYS C 18 9.09 2.11 8.41
CA CYS C 18 8.60 2.33 9.80
C CYS C 18 9.72 1.83 10.74
N SER C 19 10.37 2.76 11.43
CA SER C 19 11.52 2.33 12.29
C SER C 19 11.10 1.37 13.41
N GLN C 20 12.11 0.94 14.15
CA GLN C 20 11.93 0.12 15.38
C GLN C 20 11.04 0.93 16.35
N TYR C 21 11.26 2.22 16.41
CA TYR C 21 10.55 3.12 17.28
C TYR C 21 9.18 3.56 16.89
N GLY C 22 8.66 3.11 15.76
CA GLY C 22 7.33 3.53 15.34
C GLY C 22 7.28 4.87 14.63
N TYR C 23 8.30 5.23 13.90
CA TYR C 23 8.43 6.49 13.13
C TYR C 23 8.85 6.16 11.68
N CYS C 24 8.22 6.88 10.74
CA CYS C 24 8.37 6.74 9.32
C CYS C 24 9.58 7.55 8.84
N GLY C 25 10.40 6.94 8.00
CA GLY C 25 11.53 7.78 7.49
C GLY C 25 12.22 6.94 6.47
N MET C 26 13.43 7.40 6.15
CA MET C 26 14.26 6.75 5.11
C MET C 26 15.70 6.78 5.59
N GLY C 27 16.48 5.81 5.26
CA GLY C 27 17.89 5.68 5.60
C GLY C 27 18.00 4.55 6.66
N GLY C 28 19.21 4.20 7.03
CA GLY C 28 19.50 3.14 7.97
C GLY C 28 18.72 3.18 9.25
N ASP C 29 18.55 4.34 9.83
CA ASP C 29 17.81 4.42 11.09
C ASP C 29 16.39 3.87 10.97
N TYR C 30 15.80 3.91 9.81
CA TYR C 30 14.42 3.49 9.64
C TYR C 30 14.21 2.17 8.98
N CYS C 31 15.02 1.86 7.99
CA CYS C 31 14.88 0.72 7.10
C CYS C 31 15.83 -0.44 7.46
N GLY C 32 16.72 -0.06 8.36
CA GLY C 32 17.74 -1.02 8.74
C GLY C 32 17.09 -1.89 9.77
N LYS C 33 17.85 -2.19 10.80
CA LYS C 33 17.53 -3.03 11.95
C LYS C 33 16.17 -2.75 12.57
N GLY C 34 15.28 -3.70 12.58
CA GLY C 34 14.02 -3.47 13.30
C GLY C 34 12.95 -2.73 12.53
N CYS C 35 13.25 -2.42 11.28
CA CYS C 35 12.25 -1.79 10.40
C CYS C 35 10.95 -2.66 10.48
N GLN C 36 9.80 -2.02 10.70
CA GLN C 36 8.54 -2.80 10.79
C GLN C 36 7.74 -2.98 9.52
N ASN C 37 7.74 -2.02 8.62
CA ASN C 37 7.08 -2.01 7.34
C ASN C 37 7.70 -0.94 6.41
N GLY C 38 7.28 -0.99 5.16
CA GLY C 38 7.78 -0.09 4.09
C GLY C 38 8.98 -0.77 3.43
N ALA C 39 9.84 0.06 2.89
CA ALA C 39 10.99 -0.49 2.11
C ALA C 39 12.11 -0.96 2.99
N CYS C 40 11.84 -1.89 3.89
CA CYS C 40 12.85 -2.38 4.86
C CYS C 40 14.01 -2.97 4.07
N TRP C 41 15.22 -2.72 4.53
CA TRP C 41 16.38 -3.29 3.85
C TRP C 41 16.32 -4.79 3.82
N THR C 42 15.79 -5.43 4.85
CA THR C 42 15.65 -6.92 4.85
C THR C 42 14.20 -7.25 4.52
N SER C 43 13.90 -8.00 3.47
CA SER C 43 12.49 -8.23 3.06
C SER C 43 11.76 -9.04 4.12
N LYS C 44 10.56 -8.74 4.54
CA LYS C 44 9.86 -9.56 5.59
C LYS C 44 9.50 -10.85 4.84
N ARG C 45 9.19 -11.92 5.56
CA ARG C 45 8.86 -13.22 4.92
C ARG C 45 7.36 -13.31 4.68
N CYS C 46 6.94 -14.24 3.78
CA CYS C 46 5.45 -14.27 3.54
C CYS C 46 5.09 -15.57 2.85
N GLY C 47 3.80 -15.76 2.62
CA GLY C 47 3.26 -16.89 1.87
C GLY C 47 3.48 -18.21 2.55
N SER C 48 3.59 -19.31 1.87
CA SER C 48 3.83 -20.60 2.54
C SER C 48 4.96 -20.58 3.56
N GLN C 49 6.10 -20.14 3.15
CA GLN C 49 7.35 -20.09 3.87
C GLN C 49 7.24 -19.52 5.24
N ALA C 50 6.30 -18.67 5.46
CA ALA C 50 6.07 -18.01 6.78
C ALA C 50 4.66 -18.42 7.18
N GLY C 51 4.19 -19.57 6.68
CA GLY C 51 2.89 -20.16 6.88
C GLY C 51 1.64 -19.37 6.58
N GLY C 52 1.58 -18.69 5.43
CA GLY C 52 0.45 -17.88 5.01
C GLY C 52 0.48 -16.44 5.43
N ALA C 53 1.57 -15.85 5.90
CA ALA C 53 1.57 -14.41 6.27
C ALA C 53 1.66 -13.52 5.02
N THR C 54 0.82 -12.50 5.01
CA THR C 54 0.63 -11.45 4.01
C THR C 54 1.81 -10.50 4.05
N CYS C 55 2.09 -9.75 2.98
CA CYS C 55 3.19 -8.74 3.03
C CYS C 55 2.50 -7.43 3.44
N THR C 56 3.29 -6.55 4.04
CA THR C 56 2.73 -5.22 4.35
C THR C 56 2.84 -4.42 3.00
N ASN C 57 2.17 -3.29 3.08
CA ASN C 57 2.15 -2.29 1.99
C ASN C 57 1.79 -2.83 0.62
N ASN C 58 0.96 -3.82 0.50
CA ASN C 58 0.49 -4.40 -0.78
C ASN C 58 1.62 -4.92 -1.64
N GLN C 59 2.71 -5.31 -0.99
CA GLN C 59 3.87 -5.91 -1.62
C GLN C 59 3.46 -7.29 -2.13
N CYS C 60 4.16 -7.72 -3.16
CA CYS C 60 4.05 -9.03 -3.80
C CYS C 60 4.90 -10.04 -3.02
N CYS C 61 4.36 -11.24 -2.91
CA CYS C 61 5.10 -12.25 -2.18
C CYS C 61 5.61 -13.18 -3.27
N SER C 62 6.93 -13.30 -3.33
CA SER C 62 7.57 -14.10 -4.36
C SER C 62 7.36 -15.59 -4.15
N GLN C 63 7.88 -16.30 -5.14
CA GLN C 63 7.80 -17.76 -5.10
C GLN C 63 8.68 -18.30 -3.99
N TYR C 64 9.60 -17.58 -3.44
CA TYR C 64 10.52 -17.99 -2.40
C TYR C 64 10.09 -17.45 -1.04
N GLY C 65 8.98 -16.76 -0.98
CA GLY C 65 8.51 -16.21 0.28
C GLY C 65 9.18 -14.95 0.77
N TYR C 66 9.46 -14.02 -0.14
CA TYR C 66 10.02 -12.72 0.21
C TYR C 66 9.10 -11.63 -0.30
N CYS C 67 9.00 -10.52 0.38
CA CYS C 67 8.16 -9.39 0.03
C CYS C 67 8.89 -8.37 -0.84
N GLY C 68 8.17 -7.89 -1.84
CA GLY C 68 8.78 -6.82 -2.68
C GLY C 68 7.87 -6.47 -3.87
N PHE C 69 8.56 -5.90 -4.88
CA PHE C 69 7.86 -5.50 -6.12
C PHE C 69 8.77 -5.77 -7.30
N GLY C 70 8.20 -5.84 -8.48
CA GLY C 70 9.07 -6.06 -9.69
C GLY C 70 8.77 -7.42 -10.26
N ALA C 71 9.36 -7.86 -11.35
CA ALA C 71 9.02 -9.16 -11.91
C ALA C 71 9.21 -10.31 -10.97
N GLU C 72 10.32 -10.25 -10.24
CA GLU C 72 10.81 -11.31 -9.32
C GLU C 72 9.82 -11.68 -8.25
N TYR C 73 9.02 -10.70 -7.89
CA TYR C 73 8.04 -10.79 -6.85
C TYR C 73 6.64 -10.94 -7.36
N CYS C 74 6.25 -10.12 -8.27
CA CYS C 74 4.91 -10.06 -8.82
C CYS C 74 4.64 -10.95 -9.99
N GLY C 75 5.73 -11.47 -10.56
CA GLY C 75 5.65 -12.25 -11.79
C GLY C 75 5.36 -13.70 -11.53
N ALA C 76 5.99 -14.51 -12.37
CA ALA C 76 5.82 -15.97 -12.30
C ALA C 76 6.03 -16.49 -10.87
N GLY C 77 5.05 -17.14 -10.30
CA GLY C 77 5.22 -17.72 -8.96
C GLY C 77 4.69 -16.88 -7.84
N CYS C 78 4.42 -15.60 -8.10
CA CYS C 78 3.87 -14.74 -7.06
C CYS C 78 2.83 -15.46 -6.19
N GLN C 79 2.90 -15.27 -4.86
CA GLN C 79 1.96 -15.98 -4.00
C GLN C 79 0.96 -15.07 -3.36
N GLY C 80 1.10 -13.80 -3.52
CA GLY C 80 0.13 -12.87 -2.91
C GLY C 80 0.54 -11.43 -3.18
N GLY C 81 -0.38 -10.53 -2.89
CA GLY C 81 -0.17 -9.11 -3.14
C GLY C 81 -0.74 -8.91 -4.57
N PRO C 82 -0.43 -7.81 -5.24
CA PRO C 82 -0.96 -7.58 -6.60
C PRO C 82 -0.15 -8.33 -7.62
N CYS C 83 -0.27 -9.59 -7.76
CA CYS C 83 0.46 -10.45 -8.68
C CYS C 83 0.10 -10.04 -10.12
N ARG C 84 0.97 -10.32 -11.06
CA ARG C 84 0.73 -10.01 -12.49
C ARG C 84 -0.35 -10.93 -13.04
N ALA C 85 -0.42 -12.20 -12.74
CA ALA C 85 -1.59 -13.00 -13.17
C ALA C 85 -2.89 -12.45 -12.59
N ASP C 86 -4.02 -12.69 -13.22
CA ASP C 86 -5.38 -12.38 -12.82
C ASP C 86 -5.76 -13.37 -11.69
N ILE C 87 -6.23 -12.78 -10.60
CA ILE C 87 -6.65 -13.59 -9.45
C ILE C 87 -8.14 -13.91 -9.41
N LYS C 88 -8.49 -15.17 -9.57
CA LYS C 88 -9.87 -15.69 -9.49
C LYS C 88 -10.42 -15.91 -8.07
N CYS C 89 -11.73 -15.74 -8.02
CA CYS C 89 -12.50 -15.80 -6.80
C CYS C 89 -14.01 -16.00 -6.99
N GLY C 90 -14.64 -16.12 -5.82
CA GLY C 90 -16.07 -16.24 -5.62
C GLY C 90 -16.59 -17.52 -6.27
N SER C 91 -17.85 -17.39 -6.60
CA SER C 91 -18.61 -18.48 -7.24
C SER C 91 -17.80 -19.16 -8.35
N GLN C 92 -16.96 -18.38 -9.01
CA GLN C 92 -16.21 -18.92 -10.15
C GLN C 92 -14.98 -19.66 -9.67
N ALA C 93 -14.64 -19.52 -8.39
CA ALA C 93 -13.42 -20.22 -7.95
C ALA C 93 -13.62 -20.96 -6.63
N GLY C 94 -14.67 -21.77 -6.55
CA GLY C 94 -14.96 -22.59 -5.38
C GLY C 94 -15.11 -21.73 -4.12
N GLY C 95 -15.73 -20.60 -4.25
CA GLY C 95 -16.02 -19.61 -3.26
C GLY C 95 -14.83 -18.91 -2.62
N LYS C 96 -13.65 -18.98 -3.20
CA LYS C 96 -12.46 -18.31 -2.65
C LYS C 96 -12.71 -16.81 -2.49
N LEU C 97 -12.01 -16.30 -1.49
CA LEU C 97 -12.05 -14.88 -1.15
C LEU C 97 -10.73 -14.25 -1.63
N CYS C 98 -10.84 -12.99 -1.86
CA CYS C 98 -9.68 -12.17 -2.27
C CYS C 98 -8.92 -11.91 -0.97
N PRO C 99 -7.64 -11.87 -1.02
CA PRO C 99 -6.72 -11.52 0.06
C PRO C 99 -6.73 -10.00 0.26
N ASN C 100 -6.37 -9.55 1.44
CA ASN C 100 -6.30 -8.18 1.88
C ASN C 100 -7.51 -7.35 1.55
N ASN C 101 -8.73 -7.83 1.71
CA ASN C 101 -9.95 -7.05 1.49
C ASN C 101 -10.31 -6.63 0.09
N LEU C 102 -9.68 -7.23 -0.90
CA LEU C 102 -9.99 -6.90 -2.31
C LEU C 102 -11.43 -7.39 -2.59
N CYS C 103 -12.03 -6.67 -3.50
CA CYS C 103 -13.36 -6.97 -4.00
C CYS C 103 -13.29 -8.06 -5.06
N CYS C 104 -14.20 -9.00 -4.94
CA CYS C 104 -14.31 -10.10 -5.88
C CYS C 104 -15.36 -9.56 -6.85
N SER C 105 -15.02 -9.43 -8.12
CA SER C 105 -16.00 -8.85 -9.03
C SER C 105 -17.13 -9.85 -9.36
N GLN C 106 -18.17 -9.24 -9.85
CA GLN C 106 -19.31 -10.03 -10.43
C GLN C 106 -18.78 -11.11 -11.36
N TRP C 107 -17.65 -10.94 -12.05
CA TRP C 107 -17.09 -11.88 -12.98
C TRP C 107 -16.20 -12.94 -12.37
N GLY C 108 -15.84 -12.80 -11.13
CA GLY C 108 -14.94 -13.70 -10.44
C GLY C 108 -13.48 -13.29 -10.51
N PHE C 109 -13.14 -12.02 -10.46
CA PHE C 109 -11.71 -11.58 -10.43
C PHE C 109 -11.56 -10.64 -9.25
N CYS C 110 -10.35 -10.64 -8.70
CA CYS C 110 -10.02 -9.80 -7.53
C CYS C 110 -9.43 -8.46 -7.99
N GLY C 111 -9.94 -7.40 -7.40
CA GLY C 111 -9.40 -6.04 -7.66
C GLY C 111 -9.98 -5.03 -6.68
N LEU C 112 -9.78 -3.74 -6.91
CA LEU C 112 -10.22 -2.58 -6.24
C LEU C 112 -10.69 -1.61 -7.35
N GLY C 113 -11.75 -0.88 -7.15
CA GLY C 113 -12.24 0.01 -8.15
C GLY C 113 -13.71 -0.40 -8.36
N SER C 114 -14.44 0.51 -8.99
CA SER C 114 -15.90 0.30 -9.12
C SER C 114 -16.18 -0.90 -9.98
N GLU C 115 -15.31 -1.35 -10.87
CA GLU C 115 -15.69 -2.54 -11.65
C GLU C 115 -15.76 -3.78 -10.80
N PHE C 116 -14.98 -3.76 -9.72
CA PHE C 116 -14.84 -4.91 -8.85
C PHE C 116 -15.76 -4.83 -7.65
N CYS C 117 -15.81 -3.64 -7.07
CA CYS C 117 -16.48 -3.36 -5.83
C CYS C 117 -17.95 -3.00 -5.96
N GLY C 118 -18.36 -2.46 -7.06
CA GLY C 118 -19.67 -2.01 -7.49
C GLY C 118 -20.61 -3.16 -7.82
N GLY C 119 -21.84 -2.82 -8.11
CA GLY C 119 -22.94 -3.75 -8.35
C GLY C 119 -22.46 -5.12 -8.77
N GLY C 120 -22.74 -6.18 -8.03
CA GLY C 120 -22.36 -7.54 -8.41
C GLY C 120 -21.19 -8.13 -7.64
N CYS C 121 -20.47 -7.23 -7.00
CA CYS C 121 -19.30 -7.56 -6.16
C CYS C 121 -19.72 -8.70 -5.22
N GLN C 122 -18.98 -9.73 -5.06
CA GLN C 122 -19.29 -10.88 -4.26
C GLN C 122 -18.79 -11.00 -2.85
N SER C 123 -17.65 -10.43 -2.53
CA SER C 123 -16.97 -10.50 -1.23
C SER C 123 -15.90 -9.39 -1.21
N GLY C 124 -15.38 -9.11 -0.04
CA GLY C 124 -14.43 -8.08 0.24
C GLY C 124 -15.06 -6.68 0.28
N ALA C 125 -14.30 -5.62 0.02
CA ALA C 125 -14.72 -4.23 0.14
C ALA C 125 -15.80 -3.69 -0.74
N CYS C 126 -16.87 -4.45 -1.00
CA CYS C 126 -17.99 -4.05 -1.87
C CYS C 126 -18.53 -2.69 -1.54
N SER C 127 -18.89 -1.91 -2.53
CA SER C 127 -19.49 -0.59 -2.36
C SER C 127 -21.03 -0.64 -2.30
N THR C 128 -21.56 -1.84 -2.53
CA THR C 128 -22.98 -2.16 -2.55
C THR C 128 -23.64 -2.08 -1.19
N ASP C 129 -22.91 -2.35 -0.13
CA ASP C 129 -23.43 -2.17 1.24
C ASP C 129 -24.78 -2.86 1.45
N LYS C 130 -24.76 -4.17 1.27
CA LYS C 130 -25.95 -4.99 1.45
C LYS C 130 -26.13 -5.50 2.88
N PRO C 131 -27.34 -5.27 3.37
CA PRO C 131 -27.84 -5.69 4.66
C PRO C 131 -27.57 -7.14 5.01
N CYS C 132 -27.38 -7.23 6.34
CA CYS C 132 -27.06 -8.52 6.98
C CYS C 132 -27.95 -8.82 8.19
N GLY C 133 -27.98 -10.10 8.52
CA GLY C 133 -28.64 -10.62 9.70
C GLY C 133 -30.13 -10.61 9.88
N LYS C 134 -30.58 -10.15 11.04
CA LYS C 134 -31.97 -10.11 11.46
C LYS C 134 -32.99 -9.55 10.49
N ASP C 135 -32.89 -8.30 10.08
CA ASP C 135 -33.85 -7.70 9.15
C ASP C 135 -33.54 -8.09 7.69
N ALA C 136 -32.75 -9.14 7.61
CA ALA C 136 -32.33 -9.60 6.27
C ALA C 136 -31.95 -11.07 6.36
N GLY C 137 -32.87 -11.75 7.00
CA GLY C 137 -32.95 -13.15 7.21
C GLY C 137 -31.71 -13.95 7.49
N GLY C 138 -31.08 -13.60 8.60
CA GLY C 138 -29.89 -14.26 9.13
C GLY C 138 -28.71 -14.28 8.18
N ARG C 139 -28.66 -13.22 7.35
CA ARG C 139 -27.60 -13.09 6.34
C ARG C 139 -26.32 -12.59 7.02
N VAL C 140 -25.33 -13.47 6.93
CA VAL C 140 -24.04 -13.10 7.53
C VAL C 140 -23.39 -11.98 6.73
N CYS C 141 -22.09 -12.08 6.65
CA CYS C 141 -21.30 -11.08 5.89
C CYS C 141 -20.25 -11.97 5.24
N THR C 142 -19.67 -11.36 4.23
CA THR C 142 -18.55 -12.09 3.57
C THR C 142 -17.37 -11.75 4.48
N ASN C 143 -16.30 -12.49 4.39
CA ASN C 143 -15.04 -12.13 5.05
C ASN C 143 -15.09 -12.10 6.56
N ASN C 144 -16.22 -12.42 7.12
CA ASN C 144 -16.39 -12.42 8.58
C ASN C 144 -16.38 -11.00 9.10
N TYR C 145 -16.80 -10.08 8.28
CA TYR C 145 -16.89 -8.66 8.71
C TYR C 145 -17.95 -8.84 9.81
N CYS C 146 -18.14 -7.84 10.60
CA CYS C 146 -19.09 -7.86 11.71
C CYS C 146 -20.36 -7.22 11.14
N CYS C 147 -21.47 -7.83 11.52
CA CYS C 147 -22.80 -7.28 11.09
C CYS C 147 -23.30 -6.41 12.23
N SER C 148 -23.25 -5.11 12.06
CA SER C 148 -23.59 -4.20 13.16
C SER C 148 -24.99 -4.59 13.64
N LYS C 149 -25.53 -3.71 14.42
CA LYS C 149 -26.76 -3.46 15.09
C LYS C 149 -27.82 -2.91 14.08
N TRP C 150 -27.34 -2.53 12.92
CA TRP C 150 -28.17 -2.01 11.83
C TRP C 150 -28.19 -3.09 10.73
N GLY C 151 -27.60 -4.25 10.95
CA GLY C 151 -27.56 -5.24 9.82
C GLY C 151 -26.82 -4.50 8.67
N SER C 152 -25.57 -4.20 9.05
CA SER C 152 -24.59 -3.49 8.18
C SER C 152 -23.23 -4.15 8.41
N CYS C 153 -22.56 -4.39 7.29
CA CYS C 153 -21.26 -5.07 7.36
C CYS C 153 -20.09 -4.09 7.51
N GLY C 154 -19.13 -4.45 8.36
CA GLY C 154 -17.97 -3.59 8.55
C GLY C 154 -17.01 -4.13 9.57
N ILE C 155 -16.08 -3.24 9.93
CA ILE C 155 -15.03 -3.54 10.92
C ILE C 155 -14.79 -2.26 11.70
N GLY C 156 -14.76 -2.36 13.02
CA GLY C 156 -14.59 -1.13 13.85
C GLY C 156 -15.59 -1.24 15.00
N PRO C 157 -15.33 -0.44 16.02
CA PRO C 157 -16.14 -0.37 17.22
C PRO C 157 -17.61 -0.55 16.88
N GLY C 158 -18.14 0.23 15.98
CA GLY C 158 -19.53 0.19 15.54
C GLY C 158 -20.09 -1.04 14.86
N TYR C 159 -19.30 -1.99 14.40
CA TYR C 159 -19.82 -3.19 13.75
C TYR C 159 -19.53 -4.42 14.60
N CYS C 160 -18.40 -4.39 15.24
CA CYS C 160 -17.97 -5.47 16.10
C CYS C 160 -18.25 -5.28 17.61
N GLY C 161 -18.73 -4.12 17.98
CA GLY C 161 -19.00 -3.75 19.38
C GLY C 161 -20.25 -4.39 19.97
N ALA C 162 -21.06 -3.51 20.53
CA ALA C 162 -22.31 -4.01 21.18
C ALA C 162 -23.45 -4.10 20.18
N GLY C 163 -24.18 -5.20 20.18
CA GLY C 163 -25.33 -5.31 19.23
C GLY C 163 -24.82 -6.06 18.01
N CYS C 164 -23.57 -6.48 18.12
CA CYS C 164 -22.91 -7.21 17.04
C CYS C 164 -23.67 -8.48 16.65
N GLN C 165 -24.48 -8.43 15.62
CA GLN C 165 -25.23 -9.60 15.11
C GLN C 165 -24.40 -10.74 14.57
N SER C 166 -23.42 -10.61 13.69
CA SER C 166 -22.61 -11.74 13.17
C SER C 166 -21.13 -11.53 12.88
N GLY C 167 -20.43 -12.66 12.65
CA GLY C 167 -19.05 -12.77 12.28
C GLY C 167 -18.01 -12.57 13.35
N GLY C 168 -17.09 -11.65 13.06
CA GLY C 168 -15.98 -11.34 13.95
C GLY C 168 -16.17 -10.36 15.08
N CYS C 169 -17.25 -10.46 15.83
CA CYS C 169 -17.55 -9.60 16.97
C CYS C 169 -16.47 -9.54 18.04
N ASP C 170 -16.61 -8.47 18.82
CA ASP C 170 -15.70 -8.17 19.95
C ASP C 170 -16.25 -8.81 21.23
N GLY C 171 -16.25 -10.13 21.30
CA GLY C 171 -16.77 -10.90 22.44
C GLY C 171 -18.21 -11.39 22.24
N ALA D 5 8.51 17.58 17.57
CA ALA D 5 7.03 17.37 17.42
C ALA D 5 6.73 16.09 16.65
N THR D 6 6.06 15.14 17.32
CA THR D 6 5.66 13.88 16.74
C THR D 6 4.20 13.55 16.56
N PRO D 7 3.37 14.56 16.47
CA PRO D 7 1.93 14.43 16.16
C PRO D 7 1.88 14.39 14.60
C1 NDG E . -16.81 9.44 -15.30
C2 NDG E . -18.12 9.85 -16.03
C3 NDG E . -19.22 8.97 -15.53
C4 NDG E . -18.86 7.50 -15.64
C5 NDG E . -17.60 7.21 -14.88
C6 NDG E . -17.04 5.83 -15.07
C7 NDG E . -18.56 12.06 -17.13
C8 NDG E . -18.80 13.53 -16.89
O5 NDG E . -16.60 8.07 -15.38
O3 NDG E . -20.41 9.25 -16.25
O4 NDG E . -18.56 7.01 -16.91
O6 NDG E . -16.09 5.66 -14.02
O7 NDG E . -18.66 11.64 -18.31
N2 NDG E . -18.38 11.28 -16.04
C1 GAL E . -21.65 9.28 -15.58
C2 GAL E . -22.42 10.46 -16.18
C3 GAL E . -23.80 10.47 -15.50
C4 GAL E . -24.49 9.11 -15.69
C5 GAL E . -23.62 7.98 -15.24
C6 GAL E . -24.09 6.58 -15.55
O2 GAL E . -21.66 11.59 -15.78
O3 GAL E . -24.57 11.50 -16.08
O4 GAL E . -24.80 8.94 -17.08
O5 GAL E . -22.30 8.05 -15.87
O6 GAL E . -24.29 6.47 -16.97
C1 SIA E . -25.50 12.07 -14.03
C2 SIA E . -24.98 12.61 -15.37
C3 SIA E . -26.05 13.37 -16.14
C4 SIA E . -26.21 14.76 -15.70
C5 SIA E . -24.86 15.50 -15.79
C6 SIA E . -23.88 14.74 -14.88
C7 SIA E . -22.49 15.28 -14.64
C8 SIA E . -21.63 14.35 -13.76
C9 SIA E . -20.29 15.08 -13.52
C10 SIA E . -24.25 17.89 -15.99
C11 SIA E . -24.58 19.21 -15.44
N5 SIA E . -24.98 16.91 -15.45
O1A SIA E . -26.56 11.46 -13.93
O1B SIA E . -24.77 12.35 -13.00
O4 SIA E . -27.19 15.55 -16.40
O6 SIA E . -23.81 13.37 -15.18
O7 SIA E . -21.75 15.57 -15.83
O8 SIA E . -22.21 14.29 -12.48
O9 SIA E . -19.72 14.33 -12.38
O10 SIA E . -23.44 17.72 -16.97
C1 SIA E . -16.22 3.39 -14.04
C2 SIA E . -15.25 4.53 -14.11
C3 SIA E . -14.30 4.53 -12.88
C4 SIA E . -13.24 3.48 -12.94
C5 SIA E . -12.48 3.58 -14.23
C6 SIA E . -13.47 3.61 -15.41
C7 SIA E . -12.88 3.89 -16.78
C8 SIA E . -14.04 4.04 -17.73
C9 SIA E . -13.53 3.87 -19.16
C10 SIA E . -10.32 2.53 -14.79
C11 SIA E . -9.66 1.23 -15.11
N5 SIA E . -11.56 2.50 -14.47
O1A SIA E . -16.43 2.78 -15.02
O1B SIA E . -16.95 3.18 -13.02
O4 SIA E . -12.35 3.63 -11.82
O6 SIA E . -14.49 4.62 -15.28
O7 SIA E . -12.16 5.13 -16.75
O8 SIA E . -14.91 2.97 -17.51
O9 SIA E . -13.64 5.21 -19.77
O10 SIA E . -9.66 3.58 -14.84
C1 NDG F . 7.62 12.86 19.95
C2 NDG F . 7.84 13.99 20.96
C3 NDG F . 9.07 14.76 20.57
C4 NDG F . 10.28 13.85 20.43
C5 NDG F . 9.88 12.96 19.23
C6 NDG F . 11.02 12.03 18.97
C7 NDG F . 6.04 15.29 22.02
C8 NDG F . 4.85 16.21 21.94
O5 NDG F . 8.83 12.15 19.77
O3 NDG F . 9.34 15.79 21.52
O4 NDG F . 10.29 12.82 21.41
O6 NDG F . 10.81 11.44 17.70
O7 NDG F . 6.51 14.87 23.10
N2 NDG F . 6.63 14.88 20.88
C1 GAL F . 10.58 16.43 21.27
C2 GAL F . 10.42 17.88 20.89
C3 GAL F . 11.80 18.45 20.73
C4 GAL F . 12.64 18.19 21.99
C5 GAL F . 12.75 16.71 22.16
C6 GAL F . 13.66 16.11 23.14
O2 GAL F . 9.60 18.09 19.76
O3 GAL F . 12.00 19.50 19.90
O4 GAL F . 11.96 18.71 23.15
O5 GAL F . 11.42 16.17 22.36
O6 GAL F . 14.39 15.05 22.52
C1 SIA F . 13.48 18.75 18.08
C2 SIA F . 12.63 19.87 18.70
C3 SIA F . 13.54 21.11 19.03
C4 SIA F . 14.13 21.73 17.78
C5 SIA F . 13.02 22.20 16.85
C6 SIA F . 11.90 21.18 16.74
C7 SIA F . 10.57 21.72 16.22
C8 SIA F . 10.55 21.92 14.71
C9 SIA F . 10.38 20.66 13.93
C10 SIA F . 14.02 23.66 15.04
C11 SIA F . 14.41 23.58 13.59
N5 SIA F . 13.53 22.53 15.53
O1A SIA F . 13.21 18.07 17.10
O1B SIA F . 14.69 18.55 18.64
O4 SIA F . 15.07 22.79 18.07
O6 SIA F . 11.62 20.33 17.82
O7 SIA F . 9.44 21.03 16.75
O8 SIA F . 9.51 22.85 14.46
O9 SIA F . 11.26 20.71 12.73
O10 SIA F . 14.16 24.74 15.73
C1 SIA F . 12.91 12.37 17.17
C2 SIA F . 12.01 11.17 16.93
C3 SIA F . 11.63 11.00 15.44
C4 SIA F . 12.57 10.20 14.61
C5 SIA F . 12.97 8.92 15.34
C6 SIA F . 13.57 9.33 16.73
C7 SIA F . 13.95 8.14 17.63
C8 SIA F . 14.63 8.55 18.91
C9 SIA F . 14.61 7.47 19.96
C10 SIA F . 13.67 6.74 14.38
C11 SIA F . 14.86 6.15 13.65
N5 SIA F . 13.82 8.03 14.58
O1A SIA F . 12.50 13.60 16.98
O1B SIA F . 14.02 12.10 17.54
O4 SIA F . 11.84 9.82 13.45
O6 SIA F . 12.52 9.99 17.47
O7 SIA F . 12.73 7.40 17.84
O8 SIA F . 16.00 8.72 18.52
O9 SIA F . 15.61 7.69 21.03
O10 SIA F . 12.65 6.07 14.69
#